data_5T9P
#
_entry.id   5T9P
#
_cell.length_a   37.242
_cell.length_b   157.399
_cell.length_c   47.130
_cell.angle_alpha   90.00
_cell.angle_beta   107.06
_cell.angle_gamma   90.00
#
_symmetry.space_group_name_H-M   'P 1 21 1'
#
loop_
_entity.id
_entity.type
_entity.pdbx_description
1 polymer 'Ribosome biogenesis protein 15'
2 non-polymer 'SULFATE ION'
3 non-polymer 'CHLORIDE ION'
4 water water
#
_entity_poly.entity_id   1
_entity_poly.type   'polypeptide(L)'
_entity_poly.pdbx_seq_one_letter_code
;KDKKTLEEYSGIIYVSRLPHGFHEKELSKYFAQFGDLKEVRLARNKKTGNSRHYGFLEFVNKEDAMIAQESMNNYLLMGH
LLQVRVLPKGAKIEKLYKYKKRVLVEKGITK
;
_entity_poly.pdbx_strand_id   B,C,A,D
#
loop_
_chem_comp.id
_chem_comp.type
_chem_comp.name
_chem_comp.formula
CL non-polymer 'CHLORIDE ION' 'Cl -1'
SO4 non-polymer 'SULFATE ION' 'O4 S -2'
#
# COMPACT_ATOMS: atom_id res chain seq x y z
N GLU A 7 -6.87 6.07 -19.65
CA GLU A 7 -7.54 7.36 -19.73
C GLU A 7 -7.97 7.87 -18.36
N GLU A 8 -8.17 6.96 -17.41
CA GLU A 8 -8.88 7.37 -16.21
C GLU A 8 -7.94 7.74 -15.07
N TYR A 9 -6.65 7.52 -15.27
CA TYR A 9 -5.67 7.77 -14.21
C TYR A 9 -4.66 8.84 -14.57
N SER A 10 -4.15 9.51 -13.53
CA SER A 10 -3.14 10.51 -13.68
C SER A 10 -1.77 9.84 -13.66
N GLY A 11 -0.72 10.63 -13.84
CA GLY A 11 0.64 10.16 -13.58
C GLY A 11 1.06 10.35 -12.11
N ILE A 12 0.12 10.61 -11.21
CA ILE A 12 0.45 10.88 -9.80
C ILE A 12 0.23 9.69 -8.86
N ILE A 13 1.21 9.41 -8.02
CA ILE A 13 1.04 8.40 -7.00
C ILE A 13 1.10 9.00 -5.60
N TYR A 14 0.27 8.45 -4.75
CA TYR A 14 0.33 8.64 -3.32
C TYR A 14 1.10 7.48 -2.70
N VAL A 15 2.02 7.78 -1.80
CA VAL A 15 2.86 6.72 -1.23
C VAL A 15 2.84 6.87 0.28
N SER A 16 2.61 5.79 1.02
CA SER A 16 2.49 5.87 2.47
CA SER A 16 2.48 5.86 2.46
C SER A 16 3.15 4.66 3.15
N ARG A 17 3.02 4.60 4.49
CA ARG A 17 3.74 3.66 5.32
C ARG A 17 5.25 3.73 5.10
N LEU A 18 5.78 4.93 4.90
CA LEU A 18 7.20 5.10 4.75
C LEU A 18 7.93 4.81 6.09
N PRO A 19 9.08 4.14 6.00
CA PRO A 19 9.82 3.79 7.22
C PRO A 19 10.67 4.97 7.70
N HIS A 20 11.28 4.83 8.87
CA HIS A 20 12.06 5.91 9.42
C HIS A 20 13.24 6.18 8.53
N GLY A 21 13.51 7.47 8.35
CA GLY A 21 14.61 7.92 7.52
C GLY A 21 14.31 7.95 6.03
N PHE A 22 13.07 7.68 5.63
CA PHE A 22 12.75 7.58 4.20
C PHE A 22 12.13 8.92 3.75
N HIS A 23 12.93 9.78 3.16
CA HIS A 23 12.46 11.11 2.85
C HIS A 23 12.45 11.39 1.35
N GLU A 24 12.48 12.67 0.94
CA GLU A 24 12.34 13.03 -0.47
C GLU A 24 13.40 12.36 -1.36
N LYS A 25 14.65 12.31 -0.87
CA LYS A 25 15.77 11.74 -1.61
C LYS A 25 15.61 10.23 -1.83
N GLU A 26 15.11 9.55 -0.82
CA GLU A 26 14.80 8.13 -0.92
C GLU A 26 13.60 7.87 -1.82
N LEU A 27 12.60 8.75 -1.76
CA LEU A 27 11.44 8.65 -2.65
C LEU A 27 11.92 8.73 -4.12
N SER A 28 12.73 9.72 -4.37
CA SER A 28 13.31 9.90 -5.70
C SER A 28 14.17 8.70 -6.12
N LYS A 29 15.02 8.26 -5.22
CA LYS A 29 15.93 7.15 -5.54
C LYS A 29 15.14 5.88 -5.90
N TYR A 30 14.15 5.52 -5.08
CA TYR A 30 13.38 4.32 -5.33
C TYR A 30 12.47 4.44 -6.53
N PHE A 31 11.90 5.61 -6.78
CA PHE A 31 10.85 5.69 -7.80
C PHE A 31 11.34 6.14 -9.19
N ALA A 32 12.47 6.84 -9.24
CA ALA A 32 13.00 7.30 -10.52
C ALA A 32 13.46 6.13 -11.40
N GLN A 33 13.65 4.97 -10.78
CA GLN A 33 13.99 3.76 -11.55
C GLN A 33 12.90 3.32 -12.53
N PHE A 34 11.65 3.80 -12.33
CA PHE A 34 10.53 3.36 -13.18
C PHE A 34 10.22 4.33 -14.31
N GLY A 35 10.88 5.47 -14.30
CA GLY A 35 10.64 6.49 -15.33
C GLY A 35 10.95 7.88 -14.82
N ASP A 36 11.01 8.86 -15.72
CA ASP A 36 11.42 10.19 -15.30
C ASP A 36 10.34 10.82 -14.40
N LEU A 37 10.80 11.52 -13.38
CA LEU A 37 9.93 12.16 -12.40
C LEU A 37 9.75 13.64 -12.72
N LYS A 38 8.51 14.10 -12.62
CA LYS A 38 8.24 15.54 -12.70
C LYS A 38 8.27 16.16 -11.30
N GLU A 39 7.89 15.38 -10.29
CA GLU A 39 7.87 15.99 -8.95
C GLU A 39 7.89 14.96 -7.84
N VAL A 40 8.58 15.28 -6.75
CA VAL A 40 8.61 14.45 -5.52
C VAL A 40 8.31 15.36 -4.33
N ARG A 41 7.34 14.97 -3.51
CA ARG A 41 7.05 15.74 -2.29
CA ARG A 41 7.03 15.73 -2.30
C ARG A 41 6.79 14.79 -1.13
N LEU A 42 7.39 15.10 0.01
CA LEU A 42 7.13 14.38 1.25
C LEU A 42 6.24 15.26 2.12
N ALA A 43 5.16 14.72 2.66
CA ALA A 43 4.34 15.48 3.60
C ALA A 43 5.12 15.68 4.89
N ARG A 44 5.16 16.93 5.34
CA ARG A 44 5.87 17.30 6.57
C ARG A 44 5.00 18.26 7.41
N ASN A 45 5.05 18.14 8.74
CA ASN A 45 4.37 19.09 9.60
C ASN A 45 4.93 20.49 9.26
N LYS A 46 4.05 21.44 8.95
CA LYS A 46 4.54 22.71 8.44
C LYS A 46 5.31 23.52 9.51
N LYS A 47 5.18 23.15 10.78
CA LYS A 47 5.85 23.88 11.86
C LYS A 47 7.15 23.23 12.33
N THR A 48 7.09 21.95 12.66
CA THR A 48 8.27 21.24 13.18
C THR A 48 9.17 20.70 12.06
N GLY A 49 8.64 20.55 10.85
CA GLY A 49 9.37 19.87 9.80
C GLY A 49 9.34 18.34 9.81
N ASN A 50 8.74 17.74 10.85
CA ASN A 50 8.70 16.28 10.97
C ASN A 50 7.93 15.61 9.82
N SER A 51 8.51 14.55 9.28
CA SER A 51 7.86 13.74 8.25
C SER A 51 6.51 13.21 8.70
N ARG A 52 5.51 13.27 7.83
CA ARG A 52 4.25 12.59 8.12
C ARG A 52 4.25 11.14 7.53
N HIS A 53 5.38 10.72 6.98
CA HIS A 53 5.57 9.31 6.51
C HIS A 53 4.67 8.93 5.32
N TYR A 54 4.31 9.92 4.52
CA TYR A 54 3.67 9.70 3.21
C TYR A 54 4.05 10.86 2.29
N GLY A 55 3.85 10.70 0.99
CA GLY A 55 4.13 11.77 0.05
C GLY A 55 3.42 11.53 -1.28
N PHE A 56 3.77 12.35 -2.26
CA PHE A 56 3.17 12.28 -3.59
C PHE A 56 4.32 12.37 -4.59
N LEU A 57 4.24 11.61 -5.68
CA LEU A 57 5.21 11.77 -6.79
C LEU A 57 4.44 11.86 -8.06
N GLU A 58 4.97 12.61 -9.03
CA GLU A 58 4.39 12.62 -10.37
C GLU A 58 5.45 12.24 -11.37
N PHE A 59 5.10 11.29 -12.24
CA PHE A 59 5.89 10.83 -13.39
C PHE A 59 5.59 11.65 -14.63
N VAL A 60 6.59 11.86 -15.46
CA VAL A 60 6.36 12.48 -16.77
C VAL A 60 5.39 11.67 -17.65
N ASN A 61 5.51 10.33 -17.66
CA ASN A 61 4.61 9.43 -18.40
C ASN A 61 3.75 8.64 -17.45
N LYS A 62 2.43 8.65 -17.62
CA LYS A 62 1.60 8.05 -16.58
C LYS A 62 1.68 6.52 -16.59
N GLU A 63 2.16 5.98 -17.73
CA GLU A 63 2.46 4.56 -17.85
C GLU A 63 3.42 4.13 -16.72
N ASP A 64 4.39 5.01 -16.49
CA ASP A 64 5.44 4.77 -15.52
C ASP A 64 4.89 4.77 -14.11
N ALA A 65 3.85 5.57 -13.87
CA ALA A 65 3.20 5.60 -12.57
C ALA A 65 2.56 4.26 -12.35
N MET A 66 1.89 3.73 -13.38
CA MET A 66 1.32 2.41 -13.17
C MET A 66 2.37 1.35 -12.83
N ILE A 67 3.48 1.39 -13.56
CA ILE A 67 4.54 0.41 -13.31
C ILE A 67 5.16 0.54 -11.90
N ALA A 68 5.43 1.78 -11.49
CA ALA A 68 5.94 2.02 -10.14
C ALA A 68 4.95 1.52 -9.11
N GLN A 69 3.67 1.79 -9.33
CA GLN A 69 2.73 1.36 -8.33
C GLN A 69 2.72 -0.17 -8.24
N GLU A 70 2.79 -0.84 -9.39
CA GLU A 70 2.74 -2.30 -9.35
C GLU A 70 3.93 -2.88 -8.62
N SER A 71 5.09 -2.26 -8.81
CA SER A 71 6.32 -2.79 -8.20
C SER A 71 6.50 -2.42 -6.73
N MET A 72 6.14 -1.19 -6.37
CA MET A 72 6.45 -0.67 -5.04
C MET A 72 5.31 -0.83 -4.04
N ASN A 73 4.06 -1.02 -4.50
CA ASN A 73 2.99 -1.32 -3.55
C ASN A 73 3.23 -2.65 -2.83
N ASN A 74 3.02 -2.66 -1.51
CA ASN A 74 3.39 -3.79 -0.63
C ASN A 74 4.84 -4.28 -0.72
N TYR A 75 5.75 -3.37 -1.03
CA TYR A 75 7.18 -3.61 -0.90
C TYR A 75 7.59 -3.51 0.58
N LEU A 76 8.16 -4.57 1.13
CA LEU A 76 8.40 -4.60 2.56
C LEU A 76 9.81 -4.09 2.85
N LEU A 77 9.87 -2.96 3.54
CA LEU A 77 11.12 -2.28 3.80
C LEU A 77 11.18 -1.84 5.24
N MET A 78 12.20 -2.30 5.98
CA MET A 78 12.40 -1.90 7.40
C MET A 78 11.12 -2.01 8.22
N GLY A 79 10.46 -3.16 8.14
CA GLY A 79 9.30 -3.40 9.00
C GLY A 79 8.06 -2.60 8.61
N HIS A 80 8.08 -2.07 7.40
CA HIS A 80 6.96 -1.29 6.83
C HIS A 80 6.56 -1.91 5.50
N LEU A 81 5.27 -2.00 5.25
CA LEU A 81 4.77 -2.43 3.96
C LEU A 81 4.34 -1.19 3.21
N LEU A 82 5.17 -0.69 2.31
CA LEU A 82 4.87 0.53 1.55
C LEU A 82 3.54 0.44 0.83
N GLN A 83 2.77 1.50 0.89
CA GLN A 83 1.49 1.49 0.17
C GLN A 83 1.58 2.49 -0.97
N VAL A 84 1.20 2.08 -2.19
CA VAL A 84 1.30 2.99 -3.32
C VAL A 84 -0.03 2.95 -4.05
N ARG A 85 -0.54 4.14 -4.37
CA ARG A 85 -1.80 4.26 -5.09
C ARG A 85 -1.66 5.21 -6.28
N VAL A 86 -2.10 4.82 -7.48
CA VAL A 86 -2.12 5.74 -8.60
C VAL A 86 -3.43 6.50 -8.47
N LEU A 87 -3.38 7.82 -8.54
CA LEU A 87 -4.58 8.64 -8.34
C LEU A 87 -5.29 8.92 -9.69
N PRO A 88 -6.62 9.00 -9.66
CA PRO A 88 -7.42 9.21 -10.86
C PRO A 88 -7.09 10.55 -11.51
N LYS A 89 -7.49 10.69 -12.76
CA LYS A 89 -7.44 11.96 -13.50
C LYS A 89 -8.01 13.14 -12.74
N GLY A 90 -7.30 14.27 -12.79
CA GLY A 90 -7.73 15.46 -12.08
C GLY A 90 -6.92 15.66 -10.81
N ALA A 91 -6.19 14.64 -10.36
CA ALA A 91 -5.30 14.76 -9.22
C ALA A 91 -4.27 15.83 -9.51
N LYS A 92 -3.95 16.66 -8.52
CA LYS A 92 -2.89 17.65 -8.62
C LYS A 92 -2.16 17.70 -7.30
N ILE A 93 -0.86 17.48 -7.31
CA ILE A 93 -0.11 17.43 -6.06
C ILE A 93 -0.23 18.74 -5.27
N GLU A 94 -0.24 19.86 -5.99
CA GLU A 94 -0.28 21.19 -5.39
C GLU A 94 -1.50 21.34 -4.50
N LYS A 95 -2.63 20.80 -4.96
CA LYS A 95 -3.84 20.80 -4.16
C LYS A 95 -3.86 19.68 -3.08
N LEU A 96 -3.45 18.47 -3.46
CA LEU A 96 -3.60 17.37 -2.52
C LEU A 96 -2.67 17.52 -1.32
N TYR A 97 -1.52 18.10 -1.55
CA TYR A 97 -0.50 18.25 -0.53
C TYR A 97 -1.03 19.16 0.62
N LYS A 98 -1.99 20.01 0.31
CA LYS A 98 -2.51 20.92 1.34
C LYS A 98 -3.46 20.26 2.32
N TYR A 99 -4.05 19.12 1.95
CA TYR A 99 -5.03 18.50 2.83
C TYR A 99 -4.38 17.91 4.08
N LYS A 100 -5.08 18.02 5.21
CA LYS A 100 -4.68 17.25 6.40
C LYS A 100 -4.70 15.76 6.05
N LYS A 101 -3.89 14.97 6.74
CA LYS A 101 -3.89 13.52 6.49
C LYS A 101 -5.28 12.90 6.65
N ARG A 102 -5.98 13.30 7.71
CA ARG A 102 -7.27 12.69 8.01
C ARG A 102 -8.28 13.05 6.90
N VAL A 103 -8.04 14.18 6.25
CA VAL A 103 -8.91 14.60 5.15
C VAL A 103 -8.68 13.74 3.89
N LEU A 104 -7.41 13.45 3.56
CA LEU A 104 -7.10 12.49 2.49
C LEU A 104 -7.76 11.17 2.79
N VAL A 105 -7.71 10.76 4.05
CA VAL A 105 -8.36 9.47 4.36
C VAL A 105 -9.88 9.54 4.21
N GLU A 106 -10.50 10.62 4.68
CA GLU A 106 -11.96 10.71 4.57
C GLU A 106 -12.40 10.78 3.12
N LYS A 107 -11.59 11.41 2.27
CA LYS A 107 -11.97 11.59 0.88
C LYS A 107 -11.74 10.31 0.08
N GLY A 108 -11.14 9.32 0.73
CA GLY A 108 -10.97 8.00 0.13
C GLY A 108 -9.73 7.96 -0.75
N ILE A 109 -8.89 8.97 -0.67
CA ILE A 109 -7.75 9.07 -1.56
C ILE A 109 -6.69 8.03 -1.17
N THR A 110 -6.67 7.65 0.10
CA THR A 110 -5.60 6.77 0.57
C THR A 110 -5.97 5.30 0.54
N LYS A 111 -7.19 4.98 0.13
CA LYS A 111 -7.75 3.63 0.35
C LYS A 111 -6.89 2.51 -0.23
N LEU B 6 4.54 -3.02 16.69
CA LEU B 6 3.39 -3.55 17.42
C LEU B 6 2.12 -2.84 16.96
N GLU B 7 2.08 -1.53 17.16
CA GLU B 7 1.09 -0.72 16.45
C GLU B 7 1.51 -0.61 14.97
N GLU B 8 2.75 -1.00 14.66
CA GLU B 8 3.18 -0.98 13.29
C GLU B 8 2.95 -2.34 12.59
N TYR B 9 2.32 -3.29 13.28
CA TYR B 9 2.05 -4.60 12.64
C TYR B 9 0.57 -4.83 12.49
N SER B 10 0.20 -5.67 11.51
CA SER B 10 -1.19 -6.01 11.31
C SER B 10 -1.54 -7.25 12.10
N GLY B 11 -2.77 -7.71 12.01
CA GLY B 11 -3.10 -9.03 12.52
C GLY B 11 -2.99 -10.13 11.48
N ILE B 12 -2.30 -9.85 10.38
CA ILE B 12 -2.23 -10.83 9.32
C ILE B 12 -0.91 -11.62 9.35
N ILE B 13 -1.01 -12.94 9.24
CA ILE B 13 0.21 -13.75 9.02
C ILE B 13 0.24 -14.41 7.66
N TYR B 14 1.46 -14.52 7.15
CA TYR B 14 1.83 -15.32 6.01
C TYR B 14 2.40 -16.62 6.51
N VAL B 15 1.91 -17.75 5.97
CA VAL B 15 2.37 -19.05 6.42
C VAL B 15 2.77 -19.86 5.21
N SER B 16 3.96 -20.46 5.24
CA SER B 16 4.50 -21.20 4.12
C SER B 16 5.16 -22.51 4.61
N ARG B 17 5.63 -23.32 3.66
CA ARG B 17 6.13 -24.68 3.90
C ARG B 17 5.06 -25.56 4.55
N LEU B 18 3.83 -25.47 4.07
CA LEU B 18 2.80 -26.32 4.57
C LEU B 18 2.99 -27.75 4.04
N PRO B 19 2.78 -28.75 4.87
CA PRO B 19 2.95 -30.09 4.30
C PRO B 19 1.75 -30.45 3.42
N HIS B 20 1.89 -31.51 2.64
CA HIS B 20 0.79 -31.97 1.80
C HIS B 20 -0.42 -32.32 2.67
N GLY B 21 -1.61 -32.00 2.18
CA GLY B 21 -2.84 -32.29 2.88
C GLY B 21 -3.22 -31.27 3.91
N PHE B 22 -2.37 -30.26 4.10
CA PHE B 22 -2.60 -29.19 5.07
C PHE B 22 -3.30 -28.00 4.37
N HIS B 23 -4.62 -27.89 4.55
CA HIS B 23 -5.44 -26.97 3.77
C HIS B 23 -6.12 -25.97 4.70
N GLU B 24 -7.20 -25.32 4.21
CA GLU B 24 -7.87 -24.27 4.95
C GLU B 24 -8.28 -24.75 6.36
N LYS B 25 -8.85 -25.94 6.43
CA LYS B 25 -9.36 -26.48 7.69
C LYS B 25 -8.23 -26.73 8.65
N GLU B 26 -7.12 -27.25 8.15
CA GLU B 26 -5.93 -27.47 8.97
C GLU B 26 -5.37 -26.15 9.50
N LEU B 27 -5.33 -25.14 8.63
CA LEU B 27 -4.86 -23.82 9.02
C LEU B 27 -5.71 -23.28 10.15
N SER B 28 -7.02 -23.39 9.96
CA SER B 28 -7.95 -22.91 10.95
C SER B 28 -7.75 -23.64 12.28
N LYS B 29 -7.65 -24.96 12.23
CA LYS B 29 -7.47 -25.75 13.44
C LYS B 29 -6.18 -25.38 14.19
N TYR B 30 -5.03 -25.41 13.51
CA TYR B 30 -3.77 -25.04 14.20
C TYR B 30 -3.71 -23.59 14.68
N PHE B 31 -4.24 -22.63 13.93
CA PHE B 31 -4.04 -21.24 14.37
C PHE B 31 -5.15 -20.69 15.27
N ALA B 32 -6.28 -21.37 15.33
CA ALA B 32 -7.38 -20.94 16.19
C ALA B 32 -7.03 -21.03 17.68
N GLN B 33 -6.04 -21.82 18.03
CA GLN B 33 -5.70 -21.94 19.44
C GLN B 33 -5.03 -20.66 19.94
N PHE B 34 -4.63 -19.78 19.03
CA PHE B 34 -4.01 -18.53 19.47
C PHE B 34 -5.01 -17.40 19.66
N GLY B 35 -6.25 -17.59 19.20
CA GLY B 35 -7.23 -16.52 19.25
C GLY B 35 -8.23 -16.60 18.10
N ASP B 36 -9.30 -15.81 18.19
CA ASP B 36 -10.34 -15.75 17.16
C ASP B 36 -9.78 -15.32 15.81
N LEU B 37 -10.10 -16.12 14.80
CA LEU B 37 -9.68 -15.86 13.44
C LEU B 37 -10.72 -15.05 12.66
N LYS B 38 -10.26 -14.02 11.97
CA LYS B 38 -11.12 -13.28 11.07
C LYS B 38 -11.12 -13.97 9.71
N GLU B 39 -9.97 -14.45 9.25
CA GLU B 39 -9.94 -15.01 7.92
C GLU B 39 -8.84 -16.04 7.75
N VAL B 40 -9.14 -17.09 6.98
CA VAL B 40 -8.16 -18.08 6.58
C VAL B 40 -8.25 -18.32 5.08
N ARG B 41 -7.12 -18.22 4.38
CA ARG B 41 -7.10 -18.51 2.94
C ARG B 41 -5.85 -19.27 2.59
N LEU B 42 -6.05 -20.35 1.85
CA LEU B 42 -4.96 -21.12 1.28
C LEU B 42 -4.69 -20.69 -0.15
N ALA B 43 -3.44 -20.42 -0.48
CA ALA B 43 -3.10 -20.09 -1.85
C ALA B 43 -3.34 -21.31 -2.71
N ARG B 44 -4.11 -21.14 -3.78
CA ARG B 44 -4.44 -22.24 -4.67
C ARG B 44 -4.27 -21.80 -6.11
N ASN B 45 -3.82 -22.71 -6.95
CA ASN B 45 -3.68 -22.41 -8.37
C ASN B 45 -5.05 -21.95 -8.89
N LYS B 46 -5.10 -20.80 -9.55
CA LYS B 46 -6.35 -20.21 -10.06
C LYS B 46 -7.11 -21.18 -10.95
N LYS B 47 -6.39 -21.91 -11.80
CA LYS B 47 -7.02 -22.74 -12.83
C LYS B 47 -7.39 -24.14 -12.36
N THR B 48 -6.49 -24.75 -11.60
CA THR B 48 -6.62 -26.17 -11.26
C THR B 48 -7.17 -26.41 -9.84
N GLY B 49 -7.05 -25.41 -8.97
CA GLY B 49 -7.45 -25.59 -7.60
C GLY B 49 -6.35 -26.15 -6.69
N ASN B 50 -5.24 -26.61 -7.27
CA ASN B 50 -4.24 -27.27 -6.44
C ASN B 50 -3.62 -26.31 -5.42
N SER B 51 -3.42 -26.80 -4.21
CA SER B 51 -2.74 -26.07 -3.16
C SER B 51 -1.32 -25.63 -3.52
N ARG B 52 -0.98 -24.38 -3.24
CA ARG B 52 0.39 -23.90 -3.41
C ARG B 52 1.24 -24.07 -2.12
N HIS B 53 0.65 -24.66 -1.08
CA HIS B 53 1.34 -24.95 0.19
C HIS B 53 1.82 -23.68 0.90
N TYR B 54 1.00 -22.63 0.81
CA TYR B 54 1.14 -21.44 1.66
C TYR B 54 -0.20 -20.72 1.73
N GLY B 55 -0.36 -19.86 2.71
CA GLY B 55 -1.60 -19.15 2.86
C GLY B 55 -1.44 -17.94 3.74
N PHE B 56 -2.58 -17.35 4.05
CA PHE B 56 -2.66 -16.14 4.83
C PHE B 56 -3.75 -16.36 5.86
N LEU B 57 -3.51 -15.86 7.07
CA LEU B 57 -4.55 -15.84 8.07
C LEU B 57 -4.65 -14.45 8.66
N GLU B 58 -5.84 -14.06 9.11
CA GLU B 58 -5.97 -12.81 9.89
C GLU B 58 -6.69 -13.09 11.22
N PHE B 59 -6.09 -12.60 12.31
CA PHE B 59 -6.69 -12.66 13.64
C PHE B 59 -7.51 -11.39 13.90
N VAL B 60 -8.64 -11.52 14.62
CA VAL B 60 -9.36 -10.34 15.10
C VAL B 60 -8.48 -9.42 15.96
N ASN B 61 -7.72 -9.98 16.89
CA ASN B 61 -6.79 -9.15 17.68
C ASN B 61 -5.34 -9.38 17.30
N LYS B 62 -4.61 -8.32 17.01
CA LYS B 62 -3.33 -8.53 16.33
C LYS B 62 -2.24 -9.10 17.24
N GLU B 63 -2.44 -8.92 18.55
CA GLU B 63 -1.49 -9.51 19.47
C GLU B 63 -1.48 -11.05 19.30
N ASP B 64 -2.66 -11.60 19.00
CA ASP B 64 -2.79 -13.04 18.74
C ASP B 64 -1.96 -13.47 17.55
N ALA B 65 -1.85 -12.60 16.53
CA ALA B 65 -1.00 -12.89 15.37
C ALA B 65 0.43 -12.96 15.82
N MET B 66 0.79 -12.05 16.74
CA MET B 66 2.18 -12.11 17.27
C MET B 66 2.49 -13.46 17.95
N ILE B 67 1.58 -13.89 18.80
CA ILE B 67 1.74 -15.17 19.53
C ILE B 67 1.80 -16.39 18.59
N ALA B 68 0.92 -16.35 17.61
CA ALA B 68 0.81 -17.42 16.62
C ALA B 68 2.12 -17.53 15.87
N GLN B 69 2.67 -16.39 15.48
CA GLN B 69 3.92 -16.41 14.74
C GLN B 69 5.06 -16.92 15.63
N GLU B 70 5.11 -16.44 16.88
CA GLU B 70 6.22 -16.87 17.75
C GLU B 70 6.18 -18.37 18.01
N SER B 71 4.98 -18.92 18.17
CA SER B 71 4.81 -20.35 18.41
CA SER B 71 4.86 -20.36 18.41
C SER B 71 5.01 -21.23 17.16
N MET B 72 4.45 -20.79 16.05
CA MET B 72 4.38 -21.69 14.88
C MET B 72 5.51 -21.50 13.88
N ASN B 73 6.20 -20.37 13.96
CA ASN B 73 7.38 -20.21 13.11
C ASN B 73 8.44 -21.26 13.46
N ASN B 74 9.01 -21.90 12.44
CA ASN B 74 9.96 -23.02 12.59
C ASN B 74 9.43 -24.18 13.46
N TYR B 75 8.12 -24.37 13.40
CA TYR B 75 7.49 -25.53 14.00
C TYR B 75 7.64 -26.69 13.04
N LEU B 76 8.23 -27.80 13.49
CA LEU B 76 8.56 -28.86 12.55
C LEU B 76 7.42 -29.87 12.54
N LEU B 77 6.74 -29.96 11.41
CA LEU B 77 5.54 -30.77 11.30
C LEU B 77 5.59 -31.58 10.02
N MET B 78 5.53 -32.92 10.14
CA MET B 78 5.52 -33.80 8.96
C MET B 78 6.60 -33.47 7.96
N GLY B 79 7.85 -33.39 8.42
CA GLY B 79 8.98 -33.14 7.54
C GLY B 79 9.07 -31.75 6.95
N HIS B 80 8.27 -30.82 7.47
CA HIS B 80 8.25 -29.44 7.03
C HIS B 80 8.51 -28.50 8.19
N LEU B 81 9.33 -27.50 7.92
CA LEU B 81 9.61 -26.46 8.89
C LEU B 81 8.75 -25.24 8.56
N LEU B 82 7.59 -25.15 9.18
CA LEU B 82 6.64 -24.06 8.90
C LEU B 82 7.28 -22.69 9.03
N GLN B 83 7.03 -21.81 8.05
CA GLN B 83 7.55 -20.46 8.11
C GLN B 83 6.35 -19.52 8.30
N VAL B 84 6.37 -18.74 9.36
CA VAL B 84 5.25 -17.85 9.68
C VAL B 84 5.81 -16.43 9.83
N ARG B 85 5.16 -15.46 9.21
CA ARG B 85 5.59 -14.07 9.27
C ARG B 85 4.40 -13.19 9.59
N VAL B 86 4.52 -12.33 10.60
CA VAL B 86 3.47 -11.33 10.84
C VAL B 86 3.77 -10.19 9.92
N LEU B 87 2.76 -9.77 9.15
CA LEU B 87 2.94 -8.66 8.19
C LEU B 87 2.69 -7.26 8.78
N PRO B 88 3.42 -6.26 8.26
CA PRO B 88 3.25 -4.91 8.84
C PRO B 88 1.88 -4.31 8.55
N LYS B 89 1.60 -3.23 9.27
CA LYS B 89 0.40 -2.44 9.05
C LYS B 89 0.24 -2.06 7.59
N GLY B 90 -0.98 -2.19 7.07
CA GLY B 90 -1.23 -1.92 5.67
C GLY B 90 -1.50 -3.18 4.87
N ALA B 91 -1.03 -4.33 5.37
CA ALA B 91 -1.33 -5.62 4.78
C ALA B 91 -2.85 -5.87 4.60
N LYS B 92 -3.23 -6.41 3.45
CA LYS B 92 -4.61 -6.76 3.21
C LYS B 92 -4.62 -8.12 2.49
N ILE B 93 -5.28 -9.12 3.07
CA ILE B 93 -5.22 -10.45 2.50
C ILE B 93 -5.75 -10.42 1.06
N GLU B 94 -6.84 -9.69 0.86
CA GLU B 94 -7.49 -9.59 -0.46
C GLU B 94 -6.49 -9.22 -1.56
N LYS B 95 -5.60 -8.28 -1.27
CA LYS B 95 -4.60 -7.87 -2.23
C LYS B 95 -3.44 -8.86 -2.28
N LEU B 96 -2.92 -9.22 -1.13
CA LEU B 96 -1.70 -10.04 -1.10
C LEU B 96 -1.91 -11.42 -1.75
N TYR B 97 -3.13 -11.93 -1.62
CA TYR B 97 -3.45 -13.27 -2.11
C TYR B 97 -3.19 -13.33 -3.60
N LYS B 98 -3.40 -12.21 -4.28
CA LYS B 98 -3.36 -12.18 -5.74
C LYS B 98 -1.95 -12.21 -6.33
N TYR B 99 -0.93 -11.93 -5.52
CA TYR B 99 0.41 -11.91 -6.06
C TYR B 99 0.88 -13.33 -6.35
N LYS B 100 1.63 -13.48 -7.45
CA LYS B 100 2.39 -14.69 -7.70
C LYS B 100 3.34 -14.88 -6.53
N LYS B 101 3.71 -16.12 -6.23
CA LYS B 101 4.58 -16.35 -5.09
C LYS B 101 5.94 -15.70 -5.31
N ARG B 102 6.39 -15.72 -6.56
CA ARG B 102 7.64 -15.08 -6.95
C ARG B 102 7.65 -13.57 -6.58
N VAL B 103 6.52 -12.94 -6.79
CA VAL B 103 6.31 -11.52 -6.45
C VAL B 103 6.26 -11.29 -4.93
N LEU B 104 5.61 -12.18 -4.19
CA LEU B 104 5.72 -12.14 -2.74
C LEU B 104 7.16 -12.14 -2.33
N VAL B 105 7.97 -13.02 -2.95
CA VAL B 105 9.36 -13.07 -2.57
C VAL B 105 10.10 -11.78 -2.93
N GLU B 106 9.84 -11.30 -4.14
CA GLU B 106 10.49 -10.07 -4.63
C GLU B 106 10.21 -8.85 -3.74
N LYS B 107 9.00 -8.78 -3.24
CA LYS B 107 8.58 -7.62 -2.47
C LYS B 107 9.07 -7.70 -1.02
N GLY B 108 9.71 -8.82 -0.67
CA GLY B 108 10.28 -9.03 0.64
C GLY B 108 9.27 -9.51 1.68
N ILE B 109 8.08 -9.89 1.22
CA ILE B 109 6.98 -10.28 2.11
C ILE B 109 7.25 -11.60 2.85
N THR B 110 7.97 -12.51 2.20
CA THR B 110 8.33 -13.80 2.78
C THR B 110 9.54 -13.76 3.75
N LYS B 111 10.26 -12.64 3.77
CA LYS B 111 11.48 -12.53 4.59
C LYS B 111 11.22 -12.63 6.10
N GLU C 8 6.05 47.56 7.78
CA GLU C 8 6.67 47.53 6.44
C GLU C 8 7.23 46.14 6.07
N TYR C 9 7.50 45.32 7.07
CA TYR C 9 8.06 44.00 6.85
C TYR C 9 7.08 42.87 7.16
N SER C 10 7.32 41.69 6.60
CA SER C 10 6.55 40.50 6.95
C SER C 10 7.14 39.80 8.18
N GLY C 11 6.52 38.71 8.60
CA GLY C 11 7.10 37.89 9.64
C GLY C 11 7.96 36.75 9.09
N ILE C 12 8.32 36.80 7.80
CA ILE C 12 9.06 35.71 7.12
C ILE C 12 10.51 36.05 6.85
N ILE C 13 11.41 35.11 7.15
CA ILE C 13 12.81 35.29 6.83
C ILE C 13 13.27 34.25 5.81
N TYR C 14 14.09 34.70 4.87
CA TYR C 14 14.81 33.88 3.91
C TYR C 14 16.18 33.57 4.49
N VAL C 15 16.53 32.29 4.52
CA VAL C 15 17.80 31.89 5.07
C VAL C 15 18.55 31.13 3.98
N SER C 16 19.79 31.54 3.68
CA SER C 16 20.55 30.89 2.64
C SER C 16 21.97 30.54 3.10
N ARG C 17 22.62 29.75 2.24
CA ARG C 17 23.93 29.15 2.48
C ARG C 17 23.86 28.08 3.55
N LEU C 18 22.83 27.25 3.47
CA LEU C 18 22.64 26.22 4.49
C LEU C 18 23.60 25.08 4.23
N PRO C 19 24.17 24.53 5.31
CA PRO C 19 25.02 23.36 5.22
C PRO C 19 24.25 22.11 4.75
N HIS C 20 24.99 21.09 4.31
CA HIS C 20 24.37 19.85 3.88
C HIS C 20 23.72 19.23 5.12
N GLY C 21 22.61 18.54 4.93
CA GLY C 21 21.91 17.93 6.05
C GLY C 21 21.07 18.88 6.89
N PHE C 22 21.24 20.18 6.67
CA PHE C 22 20.49 21.18 7.45
C PHE C 22 19.12 21.40 6.79
N HIS C 23 18.08 20.72 7.29
CA HIS C 23 16.77 20.74 6.62
C HIS C 23 15.69 21.35 7.51
N GLU C 24 14.43 21.04 7.23
CA GLU C 24 13.30 21.66 7.95
C GLU C 24 13.45 21.50 9.48
N LYS C 25 13.67 20.28 9.96
CA LYS C 25 13.80 20.04 11.40
C LYS C 25 14.89 20.90 12.05
N GLU C 26 16.07 20.97 11.41
CA GLU C 26 17.20 21.78 11.91
C GLU C 26 16.88 23.28 11.90
N LEU C 27 16.29 23.75 10.82
CA LEU C 27 15.83 25.14 10.76
C LEU C 27 14.91 25.43 11.93
N SER C 28 13.87 24.60 12.08
CA SER C 28 12.87 24.76 13.11
C SER C 28 13.49 24.78 14.49
N LYS C 29 14.26 23.74 14.79
CA LYS C 29 14.97 23.62 16.06
C LYS C 29 15.78 24.87 16.35
N TYR C 30 16.59 25.28 15.38
CA TYR C 30 17.52 26.37 15.61
C TYR C 30 16.82 27.74 15.77
N PHE C 31 15.91 28.07 14.87
CA PHE C 31 15.32 29.38 14.87
C PHE C 31 14.16 29.50 15.90
N ALA C 32 13.71 28.38 16.44
CA ALA C 32 12.73 28.37 17.52
C ALA C 32 13.14 29.29 18.68
N GLN C 33 14.41 29.26 19.05
CA GLN C 33 14.93 30.10 20.14
C GLN C 33 14.56 31.59 20.01
N PHE C 34 14.20 32.04 18.83
CA PHE C 34 13.93 33.47 18.64
C PHE C 34 12.44 33.83 18.78
N GLY C 35 11.62 32.82 19.02
CA GLY C 35 10.19 33.04 19.17
C GLY C 35 9.38 31.93 18.51
N ASP C 36 8.07 31.94 18.74
CA ASP C 36 7.21 30.92 18.15
C ASP C 36 7.16 30.97 16.61
N LEU C 37 7.30 29.78 16.03
CA LEU C 37 7.27 29.61 14.59
C LEU C 37 5.89 29.20 14.09
N LYS C 38 5.46 29.88 13.04
CA LYS C 38 4.28 29.51 12.29
C LYS C 38 4.56 28.42 11.27
N GLU C 39 5.62 28.61 10.48
CA GLU C 39 5.82 27.68 9.34
C GLU C 39 7.30 27.62 8.93
N VAL C 40 7.78 26.44 8.54
CA VAL C 40 9.19 26.27 8.18
C VAL C 40 9.22 25.48 6.87
N ARG C 41 9.93 26.00 5.87
CA ARG C 41 9.96 25.33 4.58
C ARG C 41 11.39 25.34 4.03
N LEU C 42 11.85 24.21 3.53
CA LEU C 42 13.14 24.15 2.88
C LEU C 42 12.93 24.10 1.37
N ALA C 43 13.64 24.92 0.60
CA ALA C 43 13.52 24.77 -0.86
C ALA C 43 14.25 23.51 -1.29
N ARG C 44 13.55 22.66 -2.04
CA ARG C 44 14.13 21.41 -2.52
C ARG C 44 13.98 21.29 -4.02
N ASN C 45 14.93 20.60 -4.65
CA ASN C 45 14.76 20.29 -6.07
C ASN C 45 13.48 19.49 -6.28
N LYS C 46 12.60 20.02 -7.10
CA LYS C 46 11.31 19.39 -7.40
C LYS C 46 11.39 17.94 -7.90
N LYS C 47 12.40 17.61 -8.70
CA LYS C 47 12.48 16.29 -9.31
C LYS C 47 13.24 15.29 -8.46
N THR C 48 14.25 15.76 -7.75
CA THR C 48 15.19 14.88 -7.04
C THR C 48 15.03 14.91 -5.53
N GLY C 49 14.49 16.00 -5.02
CA GLY C 49 14.34 16.16 -3.59
C GLY C 49 15.51 16.70 -2.79
N ASN C 50 16.67 16.91 -3.41
CA ASN C 50 17.84 17.40 -2.69
C ASN C 50 17.59 18.84 -2.23
N SER C 51 18.16 19.19 -1.08
CA SER C 51 18.10 20.57 -0.60
C SER C 51 18.72 21.54 -1.61
N ARG C 52 18.08 22.68 -1.84
CA ARG C 52 18.72 23.76 -2.59
C ARG C 52 19.53 24.69 -1.66
N HIS C 53 19.59 24.33 -0.38
CA HIS C 53 20.42 24.98 0.62
C HIS C 53 19.94 26.40 0.96
N TYR C 54 18.65 26.62 0.77
CA TYR C 54 18.01 27.79 1.36
C TYR C 54 16.58 27.44 1.74
N GLY C 55 16.03 28.20 2.69
CA GLY C 55 14.66 28.02 3.10
C GLY C 55 14.00 29.30 3.61
N PHE C 56 12.79 29.16 4.15
CA PHE C 56 11.99 30.25 4.65
C PHE C 56 11.37 29.85 5.95
N LEU C 57 11.31 30.80 6.90
CA LEU C 57 10.65 30.57 8.17
C LEU C 57 9.70 31.69 8.48
N GLU C 58 8.50 31.37 8.97
CA GLU C 58 7.60 32.45 9.36
C GLU C 58 7.32 32.31 10.84
N PHE C 59 7.54 33.44 11.52
CA PHE C 59 7.35 33.62 12.93
C PHE C 59 5.93 34.10 13.14
N VAL C 60 5.38 33.74 14.28
CA VAL C 60 4.04 34.15 14.67
C VAL C 60 4.03 35.67 14.89
N ASN C 61 5.13 36.19 15.44
CA ASN C 61 5.30 37.63 15.60
C ASN C 61 6.35 38.19 14.68
N LYS C 62 5.95 39.12 13.82
CA LYS C 62 6.86 39.84 12.93
C LYS C 62 8.18 40.27 13.56
N GLU C 63 8.13 40.72 14.82
CA GLU C 63 9.33 41.31 15.41
C GLU C 63 10.37 40.24 15.71
N ASP C 64 9.88 39.02 15.92
CA ASP C 64 10.79 37.91 16.16
C ASP C 64 11.61 37.59 14.90
N ALA C 65 11.09 37.94 13.73
CA ALA C 65 11.82 37.74 12.52
C ALA C 65 13.06 38.64 12.53
N MET C 66 12.87 39.87 13.03
CA MET C 66 13.92 40.87 13.16
C MET C 66 15.00 40.43 14.10
N ILE C 67 14.62 39.86 15.22
CA ILE C 67 15.56 39.38 16.18
C ILE C 67 16.38 38.25 15.56
N ALA C 68 15.69 37.42 14.80
CA ALA C 68 16.28 36.27 14.17
C ALA C 68 17.27 36.75 13.16
N GLN C 69 16.82 37.64 12.31
CA GLN C 69 17.66 38.20 11.26
C GLN C 69 18.92 38.83 11.85
N GLU C 70 18.79 39.63 12.90
CA GLU C 70 19.99 40.32 13.33
C GLU C 70 20.91 39.39 14.11
N SER C 71 20.35 38.33 14.68
CA SER C 71 21.22 37.41 15.40
C SER C 71 21.92 36.41 14.45
N MET C 72 21.31 36.12 13.31
CA MET C 72 21.79 35.02 12.49
C MET C 72 22.32 35.42 11.12
N ASN C 73 22.04 36.62 10.65
CA ASN C 73 22.72 37.08 9.45
C ASN C 73 24.24 37.11 9.68
N ASN C 74 25.00 36.50 8.77
CA ASN C 74 26.46 36.39 8.88
C ASN C 74 26.90 35.61 10.11
N TYR C 75 26.04 34.70 10.55
CA TYR C 75 26.45 33.80 11.60
C TYR C 75 27.16 32.60 10.97
N LEU C 76 28.23 32.13 11.61
CA LEU C 76 29.00 31.04 11.04
C LEU C 76 28.45 29.72 11.55
N LEU C 77 27.71 29.04 10.68
CA LEU C 77 27.10 27.76 11.02
C LEU C 77 27.77 26.64 10.22
N MET C 78 28.47 25.74 10.91
CA MET C 78 29.16 24.64 10.26
C MET C 78 29.97 25.11 9.04
N GLY C 79 30.68 26.22 9.19
CA GLY C 79 31.56 26.68 8.14
C GLY C 79 30.89 27.45 7.02
N HIS C 80 29.58 27.71 7.19
CA HIS C 80 28.80 28.46 6.20
C HIS C 80 28.42 29.80 6.78
N LEU C 81 28.71 30.87 6.06
CA LEU C 81 28.37 32.20 6.53
C LEU C 81 26.92 32.44 6.14
N LEU C 82 26.00 32.16 7.06
CA LEU C 82 24.58 32.24 6.76
C LEU C 82 24.16 33.61 6.29
N GLN C 83 23.22 33.67 5.35
CA GLN C 83 22.61 34.97 5.05
C GLN C 83 21.15 34.91 5.45
N VAL C 84 20.66 35.96 6.10
CA VAL C 84 19.29 35.98 6.57
C VAL C 84 18.68 37.30 6.19
N ARG C 85 17.54 37.27 5.54
CA ARG C 85 16.82 38.51 5.21
C ARG C 85 15.37 38.42 5.69
N VAL C 86 14.82 39.52 6.21
CA VAL C 86 13.40 39.62 6.52
C VAL C 86 12.70 40.08 5.26
N LEU C 87 11.65 39.38 4.86
CA LEU C 87 11.01 39.72 3.61
C LEU C 87 9.93 40.78 3.83
N PRO C 88 9.69 41.59 2.81
CA PRO C 88 8.67 42.65 2.83
C PRO C 88 7.26 42.15 3.12
N LYS C 89 6.45 43.02 3.72
CA LYS C 89 5.01 42.79 3.93
C LYS C 89 4.30 42.24 2.69
N GLY C 90 3.49 41.22 2.87
CA GLY C 90 2.82 40.56 1.75
C GLY C 90 3.46 39.28 1.23
N ALA C 91 4.71 39.02 1.62
CA ALA C 91 5.41 37.78 1.24
C ALA C 91 4.64 36.53 1.69
N LYS C 92 4.54 35.54 0.81
CA LYS C 92 3.80 34.32 1.12
C LYS C 92 4.72 33.10 1.09
N ILE C 93 4.90 32.45 2.24
CA ILE C 93 5.85 31.36 2.36
C ILE C 93 5.44 30.13 1.51
N GLU C 94 4.15 29.94 1.29
CA GLU C 94 3.66 28.75 0.59
C GLU C 94 3.95 28.87 -0.89
N LYS C 95 4.18 30.11 -1.34
CA LYS C 95 4.56 30.37 -2.71
C LYS C 95 6.10 30.38 -2.87
N LEU C 96 6.78 31.01 -1.92
CA LEU C 96 8.21 31.23 -2.00
C LEU C 96 9.02 29.95 -2.10
N TYR C 97 8.69 28.93 -1.31
CA TYR C 97 9.60 27.79 -1.22
C TYR C 97 9.53 26.85 -2.41
N LYS C 98 8.60 27.10 -3.33
CA LYS C 98 8.50 26.32 -4.56
C LYS C 98 8.78 27.15 -5.83
N TYR C 99 8.95 28.47 -5.68
CA TYR C 99 9.48 29.32 -6.75
C TYR C 99 10.89 28.81 -7.15
N LYS C 100 11.37 29.14 -8.35
CA LYS C 100 12.69 28.67 -8.76
C LYS C 100 13.78 29.73 -8.58
N LYS C 101 13.76 30.69 -9.49
CA LYS C 101 14.61 31.89 -9.42
C LYS C 101 13.74 32.96 -10.06
N ARG C 102 12.44 32.79 -9.85
CA ARG C 102 11.42 33.72 -10.29
C ARG C 102 11.61 35.05 -9.59
N VAL C 103 12.21 35.01 -8.40
CA VAL C 103 12.80 36.22 -7.82
C VAL C 103 14.21 35.86 -7.36
N LEU C 104 15.17 36.61 -7.90
CA LEU C 104 14.80 37.66 -8.86
C LEU C 104 15.08 37.25 -10.29
N GLU D 8 -23.99 -9.40 -23.53
CA GLU D 8 -24.92 -9.15 -22.43
C GLU D 8 -24.61 -10.02 -21.19
N TYR D 9 -23.90 -11.12 -21.39
CA TYR D 9 -23.56 -12.04 -20.30
C TYR D 9 -22.05 -12.13 -20.04
N SER D 10 -21.67 -12.60 -18.85
CA SER D 10 -20.25 -12.82 -18.53
C SER D 10 -19.81 -14.24 -18.88
N GLY D 11 -18.55 -14.54 -18.64
CA GLY D 11 -18.05 -15.89 -18.82
C GLY D 11 -17.97 -16.66 -17.50
N ILE D 12 -18.67 -16.15 -16.50
CA ILE D 12 -18.61 -16.75 -15.16
C ILE D 12 -19.88 -17.54 -14.86
N ILE D 13 -19.74 -18.76 -14.35
CA ILE D 13 -20.86 -19.47 -13.78
C ILE D 13 -20.75 -19.67 -12.28
N TYR D 14 -21.93 -19.68 -11.66
CA TYR D 14 -22.17 -20.06 -10.28
C TYR D 14 -22.68 -21.51 -10.28
N VAL D 15 -22.09 -22.36 -9.45
CA VAL D 15 -22.52 -23.75 -9.28
C VAL D 15 -22.83 -24.04 -7.82
N SER D 16 -24.10 -24.29 -7.50
CA SER D 16 -24.47 -24.58 -6.13
C SER D 16 -25.04 -25.97 -5.93
N ARG D 17 -25.11 -26.33 -4.64
CA ARG D 17 -25.54 -27.63 -4.14
C ARG D 17 -24.56 -28.75 -4.39
N LEU D 18 -23.27 -28.45 -4.40
CA LEU D 18 -22.23 -29.46 -4.57
C LEU D 18 -22.32 -30.54 -3.52
N PRO D 19 -21.99 -31.77 -3.90
CA PRO D 19 -21.95 -32.83 -2.90
C PRO D 19 -20.80 -32.60 -1.94
N HIS D 20 -20.78 -33.34 -0.83
CA HIS D 20 -19.65 -33.28 0.08
C HIS D 20 -18.41 -33.74 -0.67
N GLY D 21 -17.26 -33.19 -0.31
CA GLY D 21 -16.00 -33.60 -0.93
C GLY D 21 -15.74 -32.97 -2.28
N PHE D 22 -16.68 -32.17 -2.80
CA PHE D 22 -16.53 -31.61 -4.13
C PHE D 22 -15.95 -30.19 -4.05
N HIS D 23 -14.63 -30.07 -4.22
CA HIS D 23 -13.94 -28.80 -3.98
C HIS D 23 -13.39 -28.18 -5.26
N GLU D 24 -12.40 -27.28 -5.10
CA GLU D 24 -11.79 -26.55 -6.23
C GLU D 24 -11.34 -27.52 -7.31
N LYS D 25 -10.53 -28.51 -6.93
CA LYS D 25 -9.95 -29.46 -7.90
C LYS D 25 -11.02 -30.19 -8.70
N GLU D 26 -12.01 -30.76 -8.00
CA GLU D 26 -13.11 -31.45 -8.65
C GLU D 26 -13.89 -30.49 -9.57
N LEU D 27 -14.16 -29.27 -9.11
CA LEU D 27 -14.83 -28.30 -9.97
C LEU D 27 -14.09 -28.09 -11.27
N SER D 28 -12.79 -27.84 -11.15
CA SER D 28 -11.96 -27.56 -12.32
C SER D 28 -11.93 -28.74 -13.28
N LYS D 29 -11.68 -29.92 -12.73
CA LYS D 29 -11.61 -31.14 -13.53
C LYS D 29 -12.93 -31.35 -14.28
N TYR D 30 -14.04 -31.27 -13.54
CA TYR D 30 -15.35 -31.57 -14.09
C TYR D 30 -15.76 -30.59 -15.17
N PHE D 31 -15.60 -29.29 -14.93
CA PHE D 31 -16.07 -28.31 -15.91
C PHE D 31 -15.08 -28.01 -17.02
N ALA D 32 -13.84 -28.50 -16.89
CA ALA D 32 -12.87 -28.39 -17.98
C ALA D 32 -13.41 -28.90 -19.32
N GLN D 33 -14.33 -29.86 -19.26
CA GLN D 33 -14.84 -30.44 -20.50
C GLN D 33 -15.56 -29.42 -21.38
N PHE D 34 -15.99 -28.31 -20.82
CA PHE D 34 -16.75 -27.35 -21.61
C PHE D 34 -15.86 -26.27 -22.26
N GLY D 35 -14.60 -26.22 -21.84
CA GLY D 35 -13.69 -25.23 -22.38
C GLY D 35 -12.56 -24.92 -21.41
N ASP D 36 -11.60 -24.12 -21.87
CA ASP D 36 -10.48 -23.71 -21.03
C ASP D 36 -10.95 -22.83 -19.87
N LEU D 37 -10.45 -23.12 -18.67
CA LEU D 37 -10.79 -22.34 -17.49
C LEU D 37 -9.78 -21.22 -17.21
N LYS D 38 -10.30 -20.07 -16.86
CA LYS D 38 -9.52 -18.93 -16.42
C LYS D 38 -9.38 -18.99 -14.91
N GLU D 39 -10.47 -19.33 -14.22
CA GLU D 39 -10.40 -19.35 -12.75
C GLU D 39 -11.44 -20.27 -12.12
N VAL D 40 -11.10 -20.88 -11.00
CA VAL D 40 -12.04 -21.67 -10.22
C VAL D 40 -11.95 -21.25 -8.74
N ARG D 41 -13.08 -21.04 -8.08
CA ARG D 41 -13.05 -20.62 -6.67
CA ARG D 41 -13.04 -20.67 -6.66
C ARG D 41 -14.21 -21.28 -5.93
N LEU D 42 -13.89 -22.01 -4.86
CA LEU D 42 -14.97 -22.56 -4.04
C LEU D 42 -15.28 -21.61 -2.90
N ALA D 43 -16.57 -21.40 -2.63
CA ALA D 43 -16.99 -20.63 -1.48
C ALA D 43 -16.73 -21.43 -0.20
N ARG D 44 -15.94 -20.84 0.69
CA ARG D 44 -15.56 -21.47 1.94
C ARG D 44 -15.85 -20.54 3.09
N ASN D 45 -16.16 -21.11 4.24
CA ASN D 45 -16.35 -20.29 5.44
C ASN D 45 -15.05 -19.52 5.67
N LYS D 46 -15.15 -18.21 5.77
CA LYS D 46 -14.01 -17.30 6.00
C LYS D 46 -13.13 -17.71 7.20
N LYS D 47 -13.77 -18.22 8.26
CA LYS D 47 -13.12 -18.45 9.55
C LYS D 47 -12.65 -19.88 9.71
N THR D 48 -13.46 -20.81 9.22
CA THR D 48 -13.23 -22.23 9.49
C THR D 48 -12.65 -23.01 8.30
N GLY D 49 -12.85 -22.48 7.10
CA GLY D 49 -12.41 -23.13 5.88
C GLY D 49 -13.38 -24.15 5.33
N ASN D 50 -14.51 -24.37 6.02
CA ASN D 50 -15.51 -25.37 5.57
C ASN D 50 -16.17 -24.92 4.27
N SER D 51 -16.33 -25.86 3.34
CA SER D 51 -17.02 -25.56 2.07
C SER D 51 -18.45 -25.10 2.32
N ARG D 52 -18.87 -24.04 1.64
CA ARG D 52 -20.27 -23.66 1.66
C ARG D 52 -21.08 -24.35 0.54
N HIS D 53 -20.44 -25.31 -0.15
CA HIS D 53 -21.08 -26.17 -1.15
C HIS D 53 -21.56 -25.44 -2.41
N TYR D 54 -20.88 -24.36 -2.73
CA TYR D 54 -21.07 -23.69 -4.01
C TYR D 54 -19.78 -23.02 -4.44
N GLY D 55 -19.67 -22.71 -5.73
CA GLY D 55 -18.46 -22.09 -6.24
C GLY D 55 -18.66 -21.38 -7.56
N PHE D 56 -17.56 -20.86 -8.08
CA PHE D 56 -17.52 -20.07 -9.29
C PHE D 56 -16.45 -20.54 -10.25
N LEU D 57 -16.78 -20.51 -11.53
CA LEU D 57 -15.82 -20.86 -12.55
C LEU D 57 -15.92 -19.81 -13.62
N GLU D 58 -14.77 -19.36 -14.11
CA GLU D 58 -14.74 -18.44 -15.23
C GLU D 58 -13.99 -19.11 -16.36
N PHE D 59 -14.67 -19.18 -17.52
CA PHE D 59 -14.13 -19.73 -18.75
C PHE D 59 -13.41 -18.65 -19.54
N VAL D 60 -12.36 -19.04 -20.26
CA VAL D 60 -11.66 -18.09 -21.13
C VAL D 60 -12.60 -17.56 -22.20
N ASN D 61 -13.31 -18.47 -22.85
CA ASN D 61 -14.32 -18.13 -23.85
C ASN D 61 -15.71 -18.12 -23.25
N LYS D 62 -16.42 -17.00 -23.31
CA LYS D 62 -17.67 -16.87 -22.57
C LYS D 62 -18.79 -17.79 -23.06
N GLU D 63 -18.65 -18.30 -24.28
CA GLU D 63 -19.67 -19.17 -24.84
C GLU D 63 -19.71 -20.46 -24.05
N ASP D 64 -18.53 -20.87 -23.58
CA ASP D 64 -18.41 -22.09 -22.83
C ASP D 64 -19.10 -21.99 -21.48
N ALA D 65 -19.28 -20.78 -20.99
CA ALA D 65 -20.03 -20.58 -19.75
C ALA D 65 -21.50 -20.95 -19.96
N MET D 66 -22.05 -20.47 -21.07
CA MET D 66 -23.43 -20.80 -21.46
C MET D 66 -23.58 -22.28 -21.76
N ILE D 67 -22.58 -22.84 -22.43
CA ILE D 67 -22.63 -24.27 -22.75
C ILE D 67 -22.64 -25.11 -21.46
N ALA D 68 -21.73 -24.79 -20.55
CA ALA D 68 -21.69 -25.42 -19.24
C ALA D 68 -23.01 -25.24 -18.46
N GLN D 69 -23.59 -24.05 -18.54
CA GLN D 69 -24.83 -23.80 -17.79
C GLN D 69 -26.02 -24.62 -18.31
N GLU D 70 -26.21 -24.62 -19.63
CA GLU D 70 -27.30 -25.39 -20.23
C GLU D 70 -27.08 -26.90 -20.12
N SER D 71 -25.82 -27.32 -20.18
CA SER D 71 -25.48 -28.74 -20.07
C SER D 71 -25.47 -29.27 -18.64
N MET D 72 -25.37 -28.40 -17.64
CA MET D 72 -25.22 -28.91 -16.26
C MET D 72 -26.34 -28.50 -15.30
N ASN D 73 -27.10 -27.46 -15.62
CA ASN D 73 -28.17 -27.05 -14.70
C ASN D 73 -29.20 -28.16 -14.54
N ASN D 74 -29.59 -28.44 -13.30
CA ASN D 74 -30.54 -29.52 -12.96
C ASN D 74 -30.00 -30.93 -13.29
N TYR D 75 -28.67 -31.07 -13.26
CA TYR D 75 -28.04 -32.38 -13.41
C TYR D 75 -27.87 -33.09 -12.06
N LEU D 76 -27.92 -34.43 -12.07
CA LEU D 76 -27.80 -35.20 -10.83
C LEU D 76 -26.39 -35.64 -10.51
N LEU D 77 -25.66 -34.83 -9.77
CA LEU D 77 -24.28 -35.15 -9.41
C LEU D 77 -24.18 -35.75 -8.00
N MET D 78 -23.87 -37.05 -7.94
CA MET D 78 -23.68 -37.75 -6.69
C MET D 78 -24.83 -37.53 -5.69
N GLY D 79 -26.06 -37.60 -6.17
CA GLY D 79 -27.23 -37.53 -5.31
C GLY D 79 -27.69 -36.11 -5.06
N HIS D 80 -26.89 -35.14 -5.47
CA HIS D 80 -27.24 -33.74 -5.31
C HIS D 80 -27.69 -33.15 -6.67
N LEU D 81 -28.71 -32.30 -6.62
CA LEU D 81 -29.23 -31.70 -7.85
C LEU D 81 -28.53 -30.35 -8.15
N LEU D 82 -27.55 -30.36 -9.04
CA LEU D 82 -26.75 -29.16 -9.30
C LEU D 82 -27.53 -27.98 -9.85
N GLN D 83 -27.31 -26.81 -9.26
CA GLN D 83 -27.83 -25.60 -9.89
C GLN D 83 -26.67 -24.81 -10.51
N VAL D 84 -26.86 -24.37 -11.76
CA VAL D 84 -25.84 -23.59 -12.46
C VAL D 84 -26.47 -22.34 -13.08
N ARG D 85 -25.83 -21.20 -12.87
CA ARG D 85 -26.29 -19.96 -13.48
C ARG D 85 -25.13 -19.23 -14.11
N VAL D 86 -25.37 -18.57 -15.25
CA VAL D 86 -24.39 -17.69 -15.86
C VAL D 86 -24.60 -16.29 -15.27
N LEU D 87 -23.51 -15.63 -14.91
CA LEU D 87 -23.63 -14.31 -14.30
C LEU D 87 -23.59 -13.22 -15.38
N PRO D 88 -24.24 -12.08 -15.10
CA PRO D 88 -24.36 -10.96 -16.05
C PRO D 88 -23.02 -10.35 -16.46
N LYS D 89 -23.02 -9.62 -17.56
CA LYS D 89 -21.82 -8.94 -18.04
C LYS D 89 -21.28 -7.99 -16.97
N GLY D 90 -19.98 -8.02 -16.74
CA GLY D 90 -19.35 -7.16 -15.74
C GLY D 90 -19.10 -7.83 -14.40
N ALA D 91 -19.63 -9.03 -14.23
CA ALA D 91 -19.37 -9.77 -13.00
C ALA D 91 -17.88 -10.10 -12.90
N LYS D 92 -17.36 -10.11 -11.68
CA LYS D 92 -15.98 -10.54 -11.44
C LYS D 92 -15.98 -11.51 -10.26
N ILE D 93 -15.32 -12.65 -10.44
CA ILE D 93 -15.27 -13.66 -9.38
C ILE D 93 -14.78 -13.11 -8.03
N GLU D 94 -13.71 -12.31 -8.01
CA GLU D 94 -13.21 -11.78 -6.73
C GLU D 94 -14.27 -10.96 -5.99
N LYS D 95 -15.09 -10.23 -6.73
CA LYS D 95 -16.17 -9.46 -6.13
C LYS D 95 -17.35 -10.35 -5.72
N LEU D 96 -17.62 -11.38 -6.54
CA LEU D 96 -18.79 -12.25 -6.34
C LEU D 96 -18.65 -13.06 -5.09
N TYR D 97 -17.42 -13.46 -4.82
CA TYR D 97 -17.12 -14.28 -3.67
C TYR D 97 -17.58 -13.61 -2.36
N LYS D 98 -17.78 -12.29 -2.43
CA LYS D 98 -18.21 -11.52 -1.27
C LYS D 98 -19.72 -11.32 -1.29
S SO4 E . -12.21 15.49 -18.68
O1 SO4 E . -13.17 16.29 -19.42
O2 SO4 E . -10.85 16.04 -18.76
O3 SO4 E . -12.22 14.14 -19.24
O4 SO4 E . -12.58 15.50 -17.28
S SO4 F . 11.58 10.17 10.22
O1 SO4 F . 11.55 11.61 9.97
O2 SO4 F . 11.64 9.44 8.97
O3 SO4 F . 12.76 9.86 11.01
O4 SO4 F . 10.40 9.76 10.98
S SO4 G . 14.59 14.96 7.96
O1 SO4 G . 15.10 16.30 8.34
O2 SO4 G . 15.02 14.71 6.58
O3 SO4 G . 15.09 13.94 8.90
O4 SO4 G . 13.14 14.94 8.08
S SO4 H . 1.98 10.97 12.14
O1 SO4 H . 0.75 10.53 11.47
O2 SO4 H . 2.86 11.53 11.14
O3 SO4 H . 2.62 9.86 12.81
O4 SO4 H . 1.65 12.02 13.14
S SO4 I . -3.66 15.41 10.31
O1 SO4 I . -4.93 14.94 9.79
O2 SO4 I . -2.85 16.00 9.21
O3 SO4 I . -3.05 14.22 10.91
O4 SO4 I . -3.85 16.45 11.32
CL CL J . -0.72 5.37 8.52
CL CL K . -3.13 1.31 3.75
CL CL L . 5.12 4.99 11.53
CL CL M . 4.80 -0.82 9.81
S SO4 N . -8.16 -30.55 -1.64
O1 SO4 N . -9.33 -30.70 -2.50
O2 SO4 N . -7.12 -29.73 -2.25
O3 SO4 N . -7.61 -31.88 -1.37
O4 SO4 N . -8.66 -29.93 -0.43
S SO4 O . -1.94 -31.12 -1.31
O1 SO4 O . -3.34 -30.85 -1.64
O2 SO4 O . -1.08 -30.64 -2.38
O3 SO4 O . -1.68 -30.43 -0.04
O4 SO4 O . -1.67 -32.55 -1.19
S SO4 P . 6.05 -29.47 -0.55
O1 SO4 P . 5.49 -28.15 -0.22
O2 SO4 P . 5.08 -30.12 -1.45
O3 SO4 P . 7.39 -29.27 -1.14
O4 SO4 P . 6.19 -30.30 0.65
S SO4 Q . 4.44 -18.34 -9.01
O1 SO4 Q . 3.20 -18.08 -8.24
O2 SO4 Q . 4.07 -18.28 -10.42
O3 SO4 Q . 5.52 -17.37 -8.75
O4 SO4 Q . 5.01 -19.62 -8.60
CL CL R . -3.20 -2.15 -6.24
CL CL S . 10.13 -15.81 15.54
S SO4 T . 21.95 17.99 1.41
O1 SO4 T . 20.81 17.20 0.90
O2 SO4 T . 22.55 18.79 0.35
O3 SO4 T . 23.01 17.16 1.97
O4 SO4 T . 21.49 18.87 2.48
S SO4 U . -17.41 -30.80 2.51
O1 SO4 U . -16.50 -29.76 3.03
O2 SO4 U . -17.85 -30.48 1.15
O3 SO4 U . -16.72 -32.09 2.40
O4 SO4 U . -18.57 -30.85 3.39
CL CL V . -11.33 -29.78 2.52
#